data_1S1F
#
_entry.id   1S1F
#
_cell.length_a   54.250
_cell.length_b   65.553
_cell.length_c   104.245
_cell.angle_alpha   90.00
_cell.angle_beta   90.00
_cell.angle_gamma   90.00
#
_symmetry.space_group_name_H-M   'P 21 21 21'
#
loop_
_entity.id
_entity.type
_entity.pdbx_description
1 polymer 'putative cytochrome P450'
2 non-polymer 'MERCURY (II) ION'
3 non-polymer 'PROTOPORPHYRIN IX CONTAINING FE'
4 non-polymer 4-PHENYL-1H-IMIDAZOLE
5 non-polymer 'MALONIC ACID'
6 non-polymer GLYCEROL
7 water water
#
_entity_poly.entity_id   1
_entity_poly.type   'polypeptide(L)'
_entity_poly.pdbx_seq_one_letter_code
;MTEETISQAVPPVRDWPAVDLPGSDFDPVLTELMREGPVTRISLPNGEGWAWLVTRHDDVRLVTNDPRFGREAVMDRQVT
RLAPHFIPARGAVGFLDPPDHTRLRRSVAAAFTARGVERVRERSRGMLDELVDAMLRAGPPADLTEAVLSPFPIAVICEL
MGVPATDRHSMHTWTQLILSSSHGAEVSERAKNEMNAYFSDLIGLRSDSAGEDVTSLLGAAVGRDEITLSEAVGLAVLLQ
IGGEAVTNNSGQMFHLLLSRPELAERLRSEPEIRPRAIDELLRWIPHRNAVGLSRIALEDVEIKGVRIRAGDAVYVSYLA
ANRDPEVFPDPDRIDFERSPNPHVSFGFGPHYCPGGMLARLESELLVDAVLDRVPGLKLAVAPEDVPFKKGALIRGPEAL
PVTWHA
;
_entity_poly.pdbx_strand_id   A
#
# COMPACT_ATOMS: atom_id res chain seq x y z
N GLN A 8 22.14 25.53 -1.50
CA GLN A 8 21.54 24.50 -2.35
C GLN A 8 22.11 23.13 -2.00
N ALA A 9 23.43 23.07 -1.86
CA ALA A 9 24.10 21.82 -1.52
C ALA A 9 23.84 21.46 -0.06
N VAL A 10 23.50 22.48 0.74
CA VAL A 10 23.22 22.27 2.15
C VAL A 10 21.87 22.87 2.53
N PRO A 11 20.77 22.19 2.18
CA PRO A 11 19.42 22.66 2.50
C PRO A 11 19.18 22.58 4.01
N PRO A 12 18.36 23.48 4.55
CA PRO A 12 18.07 23.45 5.99
C PRO A 12 17.29 22.18 6.32
N VAL A 13 17.41 21.68 7.55
CA VAL A 13 16.66 20.48 7.93
C VAL A 13 15.26 20.91 8.30
N ARG A 14 14.26 20.31 7.66
CA ARG A 14 12.88 20.64 7.94
C ARG A 14 12.31 19.58 8.88
N ASP A 15 11.77 20.00 10.02
N ASP A 15 11.77 20.00 10.02
CA ASP A 15 11.18 19.05 10.94
CA ASP A 15 11.18 19.05 10.94
C ASP A 15 9.80 18.70 10.41
C ASP A 15 9.80 18.70 10.41
N TRP A 16 9.48 17.41 10.41
CA TRP A 16 8.22 16.91 9.89
C TRP A 16 7.53 16.09 10.98
N PRO A 17 6.95 16.77 11.99
CA PRO A 17 6.26 16.06 13.07
C PRO A 17 4.99 15.36 12.59
N ALA A 18 4.54 14.37 13.36
CA ALA A 18 3.32 13.65 12.99
C ALA A 18 2.10 14.51 13.24
N VAL A 19 1.26 14.64 12.22
CA VAL A 19 0.04 15.42 12.30
C VAL A 19 -1.05 14.69 11.53
N ASP A 20 -2.24 14.57 12.13
CA ASP A 20 -3.36 13.91 11.48
C ASP A 20 -4.04 14.87 10.53
N LEU A 21 -4.20 14.44 9.27
CA LEU A 21 -4.84 15.26 8.26
C LEU A 21 -6.27 14.81 8.01
N PRO A 22 -7.19 15.77 7.78
CA PRO A 22 -8.60 15.47 7.53
C PRO A 22 -8.80 14.86 6.15
N GLY A 23 -9.72 13.90 6.06
CA GLY A 23 -10.03 13.27 4.78
C GLY A 23 -8.82 12.99 3.92
N SER A 24 -8.84 13.46 2.68
CA SER A 24 -7.74 13.27 1.74
C SER A 24 -6.95 14.55 1.47
N ASP A 25 -6.98 15.48 2.42
CA ASP A 25 -6.24 16.74 2.25
C ASP A 25 -4.75 16.45 2.13
N PHE A 26 -4.07 17.21 1.27
CA PHE A 26 -2.64 17.02 1.07
C PHE A 26 -1.84 17.66 2.20
N ASP A 27 -0.76 17.01 2.60
CA ASP A 27 0.12 17.47 3.69
C ASP A 27 0.77 18.82 3.36
N PRO A 28 0.44 19.87 4.13
CA PRO A 28 1.01 21.21 3.88
C PRO A 28 2.54 21.26 3.95
N VAL A 29 3.13 20.42 4.80
CA VAL A 29 4.58 20.40 4.94
C VAL A 29 5.20 19.80 3.68
N LEU A 30 4.54 18.78 3.13
CA LEU A 30 5.04 18.17 1.91
C LEU A 30 4.92 19.19 0.77
N THR A 31 3.83 19.95 0.76
CA THR A 31 3.64 20.97 -0.27
C THR A 31 4.79 21.99 -0.23
N GLU A 32 5.22 22.37 0.97
CA GLU A 32 6.32 23.32 1.10
C GLU A 32 7.65 22.72 0.64
N LEU A 33 7.89 21.46 1.02
CA LEU A 33 9.13 20.80 0.61
C LEU A 33 9.19 20.73 -0.91
N MET A 34 8.06 20.44 -1.54
CA MET A 34 8.01 20.33 -3.00
C MET A 34 8.39 21.64 -3.69
N ARG A 35 8.09 22.77 -3.04
CA ARG A 35 8.38 24.08 -3.61
C ARG A 35 9.82 24.56 -3.40
N GLU A 36 10.52 23.97 -2.44
CA GLU A 36 11.88 24.37 -2.12
C GLU A 36 13.00 23.97 -3.07
N GLY A 37 12.78 22.96 -3.88
CA GLY A 37 13.83 22.52 -4.79
C GLY A 37 13.82 21.01 -4.87
N PRO A 38 14.49 20.41 -5.86
CA PRO A 38 14.51 18.95 -6.01
C PRO A 38 15.00 18.15 -4.81
N VAL A 39 16.03 18.65 -4.13
CA VAL A 39 16.59 17.93 -2.98
C VAL A 39 16.50 18.72 -1.67
N THR A 40 15.85 18.12 -0.68
CA THR A 40 15.69 18.76 0.63
C THR A 40 16.17 17.83 1.73
N ARG A 41 16.15 18.30 2.97
CA ARG A 41 16.55 17.50 4.12
C ARG A 41 15.42 17.55 5.15
N ILE A 42 15.13 16.39 5.74
CA ILE A 42 14.06 16.30 6.73
C ILE A 42 14.46 15.52 8.00
N SER A 43 13.68 15.73 9.06
CA SER A 43 13.85 15.00 10.31
C SER A 43 12.44 14.63 10.76
N LEU A 44 12.20 13.33 10.91
CA LEU A 44 10.90 12.81 11.33
C LEU A 44 10.88 12.60 12.85
N PRO A 45 9.73 12.22 13.42
CA PRO A 45 9.62 12.01 14.88
C PRO A 45 10.54 10.98 15.53
N ASN A 46 10.75 9.85 14.88
CA ASN A 46 11.58 8.81 15.45
C ASN A 46 12.90 8.63 14.74
N GLY A 47 13.73 7.73 15.27
CA GLY A 47 15.04 7.54 14.69
C GLY A 47 15.90 8.71 15.09
N GLU A 48 17.11 8.79 14.55
CA GLU A 48 18.02 9.88 14.91
C GLU A 48 18.55 10.63 13.70
N GLY A 49 18.68 11.95 13.84
CA GLY A 49 19.22 12.77 12.77
C GLY A 49 18.29 13.18 11.65
N TRP A 50 18.88 13.37 10.48
CA TRP A 50 18.16 13.80 9.28
C TRP A 50 18.36 12.85 8.10
N ALA A 51 17.65 13.13 7.02
CA ALA A 51 17.75 12.34 5.80
C ALA A 51 17.43 13.24 4.61
N TRP A 52 17.96 12.88 3.44
CA TRP A 52 17.67 13.66 2.23
C TRP A 52 16.29 13.22 1.76
N LEU A 53 15.64 14.07 0.96
CA LEU A 53 14.33 13.78 0.39
C LEU A 53 14.23 14.29 -1.04
N VAL A 54 13.69 13.47 -1.94
CA VAL A 54 13.50 13.88 -3.33
C VAL A 54 12.00 13.79 -3.63
N THR A 55 11.52 14.76 -4.39
CA THR A 55 10.10 14.85 -4.72
C THR A 55 9.72 14.83 -6.19
N ARG A 56 10.67 15.14 -7.09
CA ARG A 56 10.35 15.13 -8.52
C ARG A 56 10.24 13.71 -9.05
N HIS A 57 9.37 13.53 -10.03
CA HIS A 57 9.11 12.24 -10.65
C HIS A 57 10.40 11.56 -11.16
N ASP A 58 11.24 12.29 -11.88
CA ASP A 58 12.46 11.70 -12.39
C ASP A 58 13.47 11.34 -11.29
N ASP A 59 13.61 12.20 -10.28
CA ASP A 59 14.55 11.91 -9.19
C ASP A 59 14.08 10.70 -8.37
N VAL A 60 12.77 10.59 -8.17
CA VAL A 60 12.21 9.46 -7.42
C VAL A 60 12.46 8.16 -8.19
N ARG A 61 12.35 8.21 -9.52
N ARG A 61 12.35 8.21 -9.52
CA ARG A 61 12.62 7.03 -10.34
CA ARG A 61 12.62 7.03 -10.34
C ARG A 61 14.09 6.62 -10.27
C ARG A 61 14.09 6.62 -10.27
N LEU A 62 14.97 7.60 -10.12
CA LEU A 62 16.40 7.33 -10.06
C LEU A 62 16.79 6.63 -8.75
N VAL A 63 16.39 7.24 -7.63
CA VAL A 63 16.71 6.71 -6.31
C VAL A 63 16.18 5.31 -6.09
N THR A 64 14.96 5.05 -6.56
CA THR A 64 14.35 3.74 -6.37
C THR A 64 14.79 2.68 -7.38
N ASN A 65 15.43 3.10 -8.47
CA ASN A 65 15.85 2.16 -9.50
C ASN A 65 17.35 2.14 -9.80
N ASP A 66 18.16 2.51 -8.82
CA ASP A 66 19.61 2.53 -9.00
C ASP A 66 20.28 1.70 -7.90
N PRO A 67 21.16 0.75 -8.30
CA PRO A 67 21.89 -0.14 -7.39
C PRO A 67 22.75 0.56 -6.34
N ARG A 68 23.01 1.85 -6.55
CA ARG A 68 23.82 2.62 -5.61
C ARG A 68 23.06 2.98 -4.34
N PHE A 69 21.74 2.79 -4.36
CA PHE A 69 20.91 3.06 -3.19
C PHE A 69 20.36 1.71 -2.73
N GLY A 70 20.61 1.36 -1.47
CA GLY A 70 20.15 0.08 -0.96
C GLY A 70 19.30 0.07 0.29
N ARG A 71 18.57 -1.02 0.48
CA ARG A 71 17.69 -1.20 1.64
C ARG A 71 18.35 -2.02 2.75
N GLU A 72 19.22 -2.95 2.36
CA GLU A 72 19.88 -3.81 3.33
C GLU A 72 20.65 -3.05 4.41
N ALA A 73 21.19 -1.89 4.04
CA ALA A 73 21.97 -1.09 4.98
C ALA A 73 21.15 -0.18 5.91
N VAL A 74 19.85 -0.07 5.67
CA VAL A 74 19.00 0.78 6.49
C VAL A 74 18.86 0.35 7.95
N MET A 75 18.74 -0.92 8.19
CA MET A 75 18.50 -1.46 9.53
C MET A 75 19.53 -1.14 10.61
N ASP A 76 20.77 -0.98 10.23
CA ASP A 76 21.73 -0.76 11.31
C ASP A 76 21.89 0.66 11.89
N ARG A 77 21.43 1.68 11.19
CA ARG A 77 21.77 3.10 11.48
C ARG A 77 20.75 4.05 12.06
N GLN A 78 19.71 3.53 12.69
CA GLN A 78 18.66 4.36 13.28
C GLN A 78 18.29 5.60 12.45
N VAL A 79 17.95 5.39 11.18
CA VAL A 79 17.58 6.49 10.30
C VAL A 79 16.29 7.16 10.78
N THR A 80 16.24 8.49 10.67
CA THR A 80 15.05 9.24 11.09
C THR A 80 13.85 8.64 10.33
N ARG A 81 12.74 8.46 11.04
CA ARG A 81 11.56 7.86 10.44
C ARG A 81 10.29 8.23 11.18
N LEU A 82 9.15 8.00 10.54
CA LEU A 82 7.85 8.30 11.11
C LEU A 82 7.43 7.29 12.19
N ALA A 83 7.49 6.00 11.84
CA ALA A 83 7.07 4.95 12.76
C ALA A 83 8.03 4.65 13.90
N PRO A 84 7.49 4.38 15.11
CA PRO A 84 8.38 4.08 16.24
C PRO A 84 9.21 2.84 15.92
N HIS A 85 8.59 1.87 15.24
CA HIS A 85 9.28 0.63 14.86
C HIS A 85 8.93 0.17 13.45
N PHE A 86 9.86 -0.55 12.83
CA PHE A 86 9.68 -1.08 11.48
C PHE A 86 8.72 -2.25 11.48
N ILE A 87 8.10 -2.49 10.33
CA ILE A 87 7.19 -3.62 10.19
C ILE A 87 7.97 -4.79 9.61
N PRO A 88 8.70 -4.57 8.50
CA PRO A 88 9.48 -5.67 7.92
C PRO A 88 10.67 -6.04 8.80
N ALA A 89 10.95 -7.33 8.90
CA ALA A 89 12.07 -7.80 9.71
C ALA A 89 13.32 -7.90 8.86
N ARG A 90 14.45 -8.12 9.52
CA ARG A 90 15.72 -8.26 8.81
C ARG A 90 15.61 -9.46 7.87
N GLY A 91 15.94 -9.25 6.60
CA GLY A 91 15.85 -10.35 5.65
C GLY A 91 14.58 -10.35 4.83
N ALA A 92 13.56 -9.57 5.25
CA ALA A 92 12.32 -9.50 4.50
C ALA A 92 12.60 -8.75 3.21
N VAL A 93 11.77 -8.94 2.19
CA VAL A 93 12.00 -8.30 0.91
C VAL A 93 12.17 -6.78 0.98
N GLY A 94 11.49 -6.15 1.93
CA GLY A 94 11.60 -4.71 2.06
C GLY A 94 13.02 -4.28 2.37
N PHE A 95 13.75 -5.14 3.08
CA PHE A 95 15.14 -4.82 3.45
C PHE A 95 16.17 -5.67 2.69
N LEU A 96 15.80 -6.11 1.50
CA LEU A 96 16.68 -6.92 0.67
C LEU A 96 17.03 -6.17 -0.61
N ASP A 97 18.24 -6.40 -1.11
CA ASP A 97 18.69 -5.77 -2.35
C ASP A 97 19.00 -6.88 -3.34
N PRO A 98 19.07 -6.54 -4.64
CA PRO A 98 19.39 -7.59 -5.60
C PRO A 98 20.82 -8.01 -5.22
N PRO A 99 21.22 -9.27 -5.49
CA PRO A 99 20.50 -10.38 -6.12
C PRO A 99 19.46 -11.10 -5.29
N ASP A 100 19.62 -11.18 -3.97
CA ASP A 100 18.65 -11.91 -3.16
C ASP A 100 17.22 -11.43 -3.35
N HIS A 101 17.03 -10.12 -3.41
CA HIS A 101 15.69 -9.56 -3.59
C HIS A 101 15.06 -10.06 -4.88
N THR A 102 15.86 -10.11 -5.93
CA THR A 102 15.38 -10.56 -7.24
C THR A 102 14.97 -12.04 -7.20
N ARG A 103 15.81 -12.86 -6.59
CA ARG A 103 15.56 -14.29 -6.48
C ARG A 103 14.25 -14.57 -5.73
N LEU A 104 14.05 -13.84 -4.64
CA LEU A 104 12.83 -14.02 -3.83
C LEU A 104 11.57 -13.50 -4.52
N ARG A 105 11.62 -12.29 -5.08
CA ARG A 105 10.45 -11.76 -5.77
C ARG A 105 10.03 -12.63 -6.96
N ARG A 106 10.98 -13.21 -7.68
CA ARG A 106 10.64 -14.03 -8.84
C ARG A 106 9.90 -15.31 -8.46
N SER A 107 10.09 -15.80 -7.25
CA SER A 107 9.40 -17.04 -6.84
C SER A 107 7.88 -16.93 -6.88
N VAL A 108 7.35 -15.71 -6.76
CA VAL A 108 5.90 -15.49 -6.78
C VAL A 108 5.41 -14.50 -7.83
N ALA A 109 6.32 -13.87 -8.56
CA ALA A 109 5.94 -12.86 -9.55
C ALA A 109 4.80 -13.27 -10.51
N ALA A 110 4.87 -14.47 -11.05
CA ALA A 110 3.84 -14.92 -11.99
C ALA A 110 2.43 -15.02 -11.40
N ALA A 111 2.33 -15.05 -10.07
CA ALA A 111 1.01 -15.13 -9.44
C ALA A 111 0.38 -13.75 -9.30
N PHE A 112 1.20 -12.71 -9.48
CA PHE A 112 0.73 -11.34 -9.30
C PHE A 112 0.59 -10.45 -10.53
N THR A 113 0.89 -10.99 -11.71
CA THR A 113 0.72 -10.23 -12.95
C THR A 113 -0.77 -10.20 -13.25
N ALA A 114 -1.17 -9.48 -14.30
CA ALA A 114 -2.57 -9.43 -14.69
C ALA A 114 -3.08 -10.84 -15.00
N ARG A 115 -2.28 -11.62 -15.72
CA ARG A 115 -2.68 -12.99 -16.04
C ARG A 115 -2.78 -13.82 -14.75
N GLY A 116 -1.84 -13.60 -13.82
CA GLY A 116 -1.86 -14.33 -12.57
C GLY A 116 -3.05 -14.06 -11.66
N VAL A 117 -3.38 -12.79 -11.44
CA VAL A 117 -4.51 -12.48 -10.57
C VAL A 117 -5.87 -12.80 -11.19
N GLU A 118 -5.93 -12.93 -12.51
CA GLU A 118 -7.18 -13.27 -13.17
C GLU A 118 -7.74 -14.58 -12.60
N ARG A 119 -6.83 -15.46 -12.16
CA ARG A 119 -7.21 -16.75 -11.61
C ARG A 119 -8.24 -16.67 -10.48
N VAL A 120 -8.14 -15.64 -9.65
CA VAL A 120 -9.07 -15.48 -8.53
C VAL A 120 -10.16 -14.43 -8.75
N ARG A 121 -10.22 -13.84 -9.95
N ARG A 121 -10.22 -13.84 -9.95
CA ARG A 121 -11.21 -12.80 -10.21
CA ARG A 121 -11.21 -12.80 -10.21
C ARG A 121 -12.67 -13.23 -10.09
C ARG A 121 -12.67 -13.23 -10.09
N GLU A 122 -13.03 -14.35 -10.69
CA GLU A 122 -14.42 -14.82 -10.62
C GLU A 122 -14.87 -15.11 -9.18
N ARG A 123 -14.05 -15.85 -8.43
CA ARG A 123 -14.39 -16.18 -7.04
C ARG A 123 -14.49 -14.90 -6.21
N SER A 124 -13.59 -13.95 -6.47
CA SER A 124 -13.59 -12.69 -5.75
C SER A 124 -14.87 -11.91 -6.02
N ARG A 125 -15.33 -11.91 -7.26
CA ARG A 125 -16.55 -11.19 -7.60
C ARG A 125 -17.73 -11.83 -6.86
N GLY A 126 -17.72 -13.17 -6.77
CA GLY A 126 -18.78 -13.87 -6.07
C GLY A 126 -18.82 -13.53 -4.59
N MET A 127 -17.65 -13.53 -3.95
CA MET A 127 -17.56 -13.22 -2.53
C MET A 127 -18.02 -11.79 -2.26
N LEU A 128 -17.65 -10.87 -3.15
CA LEU A 128 -18.04 -9.47 -3.00
C LEU A 128 -19.55 -9.29 -3.11
N ASP A 129 -20.16 -9.97 -4.09
CA ASP A 129 -21.61 -9.85 -4.25
C ASP A 129 -22.34 -10.34 -3.01
N GLU A 130 -21.80 -11.37 -2.34
CA GLU A 130 -22.42 -11.88 -1.13
C GLU A 130 -22.34 -10.85 -0.01
N LEU A 131 -21.18 -10.19 0.12
CA LEU A 131 -21.01 -9.18 1.14
C LEU A 131 -21.96 -8.01 0.91
N VAL A 132 -22.04 -7.55 -0.34
CA VAL A 132 -22.91 -6.43 -0.69
C VAL A 132 -24.39 -6.80 -0.51
N ASP A 133 -24.77 -7.99 -0.98
CA ASP A 133 -26.14 -8.43 -0.85
C ASP A 133 -26.56 -8.56 0.61
N ALA A 134 -25.64 -9.01 1.46
CA ALA A 134 -25.91 -9.14 2.89
C ALA A 134 -26.18 -7.75 3.46
N MET A 135 -25.44 -6.76 2.99
CA MET A 135 -25.61 -5.38 3.46
C MET A 135 -26.99 -4.86 3.03
N LEU A 136 -27.35 -5.10 1.78
CA LEU A 136 -28.64 -4.64 1.26
C LEU A 136 -29.79 -5.28 2.02
N ARG A 137 -29.65 -6.57 2.33
CA ARG A 137 -30.68 -7.32 3.05
C ARG A 137 -30.91 -6.78 4.46
N ALA A 138 -29.82 -6.45 5.16
CA ALA A 138 -29.92 -5.93 6.52
C ALA A 138 -30.57 -4.55 6.54
N GLY A 139 -30.45 -3.83 5.43
CA GLY A 139 -31.05 -2.51 5.32
C GLY A 139 -30.17 -1.37 5.79
N PRO A 140 -30.43 -0.14 5.31
CA PRO A 140 -29.67 1.06 5.67
C PRO A 140 -30.10 1.70 6.99
N PRO A 141 -29.23 2.52 7.59
CA PRO A 141 -27.89 2.83 7.09
C PRO A 141 -26.87 1.77 7.50
N ALA A 142 -25.68 1.83 6.92
CA ALA A 142 -24.63 0.87 7.25
C ALA A 142 -23.26 1.52 7.17
N ASP A 143 -22.25 0.77 7.59
CA ASP A 143 -20.87 1.23 7.56
C ASP A 143 -20.24 0.46 6.41
N LEU A 144 -20.03 1.14 5.28
CA LEU A 144 -19.46 0.49 4.11
C LEU A 144 -18.11 -0.17 4.38
N THR A 145 -17.34 0.39 5.30
CA THR A 145 -16.04 -0.18 5.63
C THR A 145 -16.17 -1.52 6.35
N GLU A 146 -16.96 -1.56 7.42
CA GLU A 146 -17.13 -2.80 8.16
C GLU A 146 -17.89 -3.86 7.36
N ALA A 147 -18.86 -3.42 6.56
CA ALA A 147 -19.67 -4.34 5.77
C ALA A 147 -19.04 -4.87 4.50
N VAL A 148 -18.15 -4.10 3.89
CA VAL A 148 -17.55 -4.51 2.63
C VAL A 148 -16.04 -4.27 2.45
N LEU A 149 -15.61 -3.03 2.60
CA LEU A 149 -14.20 -2.66 2.40
C LEU A 149 -13.19 -3.39 3.27
N SER A 150 -13.57 -3.78 4.48
CA SER A 150 -12.65 -4.49 5.35
C SER A 150 -12.64 -5.99 5.06
N PRO A 151 -13.79 -6.67 5.09
CA PRO A 151 -13.75 -8.10 4.81
C PRO A 151 -13.32 -8.55 3.41
N PHE A 152 -13.69 -7.80 2.38
CA PHE A 152 -13.35 -8.21 1.02
C PHE A 152 -11.85 -8.41 0.73
N PRO A 153 -11.00 -7.41 1.01
CA PRO A 153 -9.56 -7.58 0.74
C PRO A 153 -8.93 -8.75 1.50
N ILE A 154 -9.39 -8.99 2.72
CA ILE A 154 -8.88 -10.09 3.54
C ILE A 154 -9.21 -11.43 2.86
N ALA A 155 -10.44 -11.57 2.39
CA ALA A 155 -10.85 -12.79 1.70
C ALA A 155 -10.07 -13.01 0.41
N VAL A 156 -9.85 -11.93 -0.34
CA VAL A 156 -9.13 -12.03 -1.61
C VAL A 156 -7.67 -12.45 -1.45
N ILE A 157 -6.93 -11.82 -0.54
CA ILE A 157 -5.53 -12.20 -0.39
C ILE A 157 -5.42 -13.63 0.17
N CYS A 158 -6.33 -14.01 1.07
CA CYS A 158 -6.28 -15.38 1.60
C CYS A 158 -6.54 -16.38 0.49
N GLU A 159 -7.46 -16.05 -0.42
CA GLU A 159 -7.79 -16.93 -1.54
C GLU A 159 -6.58 -17.10 -2.47
N LEU A 160 -5.94 -15.98 -2.79
CA LEU A 160 -4.76 -16.02 -3.67
C LEU A 160 -3.59 -16.75 -3.01
N MET A 161 -3.44 -16.58 -1.70
CA MET A 161 -2.36 -17.22 -0.95
C MET A 161 -2.58 -18.70 -0.71
N GLY A 162 -3.84 -19.12 -0.65
CA GLY A 162 -4.14 -20.52 -0.40
C GLY A 162 -4.43 -20.78 1.07
N VAL A 163 -4.80 -19.72 1.79
CA VAL A 163 -5.14 -19.82 3.22
C VAL A 163 -6.62 -20.20 3.37
N PRO A 164 -6.90 -21.29 4.10
CA PRO A 164 -8.29 -21.73 4.30
C PRO A 164 -9.16 -20.60 4.83
N ALA A 165 -10.39 -20.52 4.34
CA ALA A 165 -11.32 -19.48 4.75
C ALA A 165 -11.54 -19.42 6.26
N THR A 166 -11.49 -20.58 6.91
CA THR A 166 -11.70 -20.67 8.35
C THR A 166 -10.64 -19.91 9.15
N ASP A 167 -9.52 -19.58 8.52
CA ASP A 167 -8.43 -18.87 9.21
C ASP A 167 -8.32 -17.38 8.87
N ARG A 168 -9.26 -16.86 8.09
CA ARG A 168 -9.22 -15.45 7.71
C ARG A 168 -9.20 -14.54 8.93
N HIS A 169 -10.03 -14.83 9.92
CA HIS A 169 -10.10 -14.01 11.11
C HIS A 169 -8.78 -13.99 11.88
N SER A 170 -8.14 -15.15 12.01
CA SER A 170 -6.85 -15.24 12.70
C SER A 170 -5.81 -14.41 11.97
N MET A 171 -5.75 -14.57 10.65
CA MET A 171 -4.80 -13.81 9.84
C MET A 171 -4.95 -12.33 10.08
N HIS A 172 -6.19 -11.86 10.07
CA HIS A 172 -6.47 -10.45 10.29
C HIS A 172 -6.02 -9.98 11.67
N THR A 173 -6.29 -10.78 12.70
CA THR A 173 -5.89 -10.40 14.05
C THR A 173 -4.37 -10.32 14.14
N TRP A 174 -3.68 -11.28 13.53
CA TRP A 174 -2.22 -11.28 13.55
C TRP A 174 -1.69 -10.06 12.81
N THR A 175 -2.32 -9.74 11.68
CA THR A 175 -1.90 -8.58 10.90
C THR A 175 -2.06 -7.32 11.75
N GLN A 176 -3.18 -7.22 12.46
CA GLN A 176 -3.44 -6.06 13.31
C GLN A 176 -2.42 -5.92 14.44
N LEU A 177 -1.99 -7.04 15.02
CA LEU A 177 -1.01 -7.00 16.10
C LEU A 177 0.33 -6.49 15.59
N ILE A 178 0.74 -6.99 14.42
CA ILE A 178 2.01 -6.59 13.81
C ILE A 178 1.99 -5.10 13.50
N LEU A 179 0.91 -4.63 12.88
CA LEU A 179 0.79 -3.22 12.55
C LEU A 179 0.72 -2.38 13.81
N SER A 180 0.01 -2.87 14.82
CA SER A 180 -0.11 -2.15 16.07
C SER A 180 1.28 -1.96 16.69
N SER A 181 2.13 -2.97 16.53
CA SER A 181 3.49 -2.93 17.05
C SER A 181 4.31 -1.81 16.41
N SER A 182 4.03 -1.53 15.13
CA SER A 182 4.75 -0.47 14.43
C SER A 182 4.37 0.87 15.02
N HIS A 183 3.10 1.02 15.39
CA HIS A 183 2.59 2.25 15.98
C HIS A 183 3.19 2.53 17.35
N GLY A 184 4.01 1.61 17.84
CA GLY A 184 4.64 1.80 19.14
C GLY A 184 4.10 0.87 20.21
N ALA A 185 3.01 0.18 19.90
CA ALA A 185 2.41 -0.74 20.86
C ALA A 185 3.42 -1.81 21.26
N GLU A 186 3.32 -2.27 22.49
CA GLU A 186 4.23 -3.29 23.00
C GLU A 186 3.67 -4.68 22.73
N VAL A 187 4.37 -5.44 21.90
CA VAL A 187 3.96 -6.79 21.54
C VAL A 187 5.20 -7.68 21.49
N SER A 188 5.16 -8.80 22.20
CA SER A 188 6.29 -9.72 22.24
C SER A 188 6.55 -10.34 20.86
N GLU A 189 7.82 -10.64 20.60
CA GLU A 189 8.18 -11.25 19.32
C GLU A 189 7.40 -12.55 19.17
N ARG A 190 7.10 -13.18 20.30
CA ARG A 190 6.36 -14.43 20.31
C ARG A 190 4.95 -14.22 19.77
N ALA A 191 4.44 -12.99 19.93
CA ALA A 191 3.11 -12.66 19.46
C ALA A 191 3.09 -12.35 17.97
N LYS A 192 4.13 -11.67 17.49
CA LYS A 192 4.21 -11.33 16.07
C LYS A 192 4.67 -12.48 15.19
N ASN A 193 5.24 -13.53 15.78
CA ASN A 193 5.71 -14.67 14.99
C ASN A 193 4.68 -15.78 14.86
N GLU A 194 3.45 -15.52 15.27
CA GLU A 194 2.40 -16.52 15.16
C GLU A 194 2.04 -16.74 13.69
N MET A 195 2.04 -15.67 12.90
CA MET A 195 1.74 -15.81 11.48
C MET A 195 2.93 -16.51 10.84
N ASN A 196 4.12 -16.28 11.38
CA ASN A 196 5.34 -16.91 10.88
C ASN A 196 5.24 -18.43 11.04
N ALA A 197 4.79 -18.86 12.21
CA ALA A 197 4.65 -20.28 12.47
C ALA A 197 3.55 -20.88 11.60
N TYR A 198 2.50 -20.08 11.38
CA TYR A 198 1.38 -20.54 10.57
C TYR A 198 1.83 -20.85 9.15
N PHE A 199 2.58 -19.92 8.55
CA PHE A 199 3.05 -20.12 7.19
C PHE A 199 4.17 -21.15 7.12
N SER A 200 4.93 -21.31 8.21
CA SER A 200 6.00 -22.31 8.22
C SER A 200 5.33 -23.68 8.06
N ASP A 201 4.19 -23.85 8.72
CA ASP A 201 3.45 -25.11 8.64
C ASP A 201 2.81 -25.26 7.25
N LEU A 202 2.10 -24.23 6.81
CA LEU A 202 1.42 -24.29 5.52
C LEU A 202 2.37 -24.52 4.33
N ILE A 203 3.48 -23.80 4.31
CA ILE A 203 4.45 -23.92 3.22
C ILE A 203 5.34 -25.14 3.35
N GLY A 204 5.86 -25.34 4.56
CA GLY A 204 6.77 -26.44 4.80
C GLY A 204 6.20 -27.83 4.99
N LEU A 205 5.00 -27.93 5.57
CA LEU A 205 4.40 -29.24 5.81
C LEU A 205 3.20 -29.58 4.93
N ARG A 206 2.41 -28.56 4.60
CA ARG A 206 1.22 -28.75 3.78
C ARG A 206 1.54 -28.23 2.37
N SER A 207 0.53 -28.13 1.52
CA SER A 207 0.74 -27.67 0.15
C SER A 207 2.03 -28.30 -0.38
N ASP A 208 2.15 -29.61 -0.22
CA ASP A 208 3.33 -30.34 -0.66
C ASP A 208 3.11 -30.90 -2.06
N SER A 209 1.88 -30.78 -2.55
CA SER A 209 1.52 -31.25 -3.88
C SER A 209 1.55 -30.08 -4.86
N ALA A 210 1.20 -30.35 -6.12
CA ALA A 210 1.18 -29.31 -7.14
C ALA A 210 0.05 -28.32 -6.87
N GLY A 211 0.35 -27.03 -7.04
CA GLY A 211 -0.64 -26.01 -6.80
C GLY A 211 -0.27 -24.71 -7.48
N GLU A 212 -1.25 -23.83 -7.68
CA GLU A 212 -1.01 -22.55 -8.33
C GLU A 212 -1.11 -21.36 -7.38
N ASP A 213 -1.65 -21.59 -6.17
CA ASP A 213 -1.76 -20.50 -5.21
C ASP A 213 -0.36 -20.13 -4.73
N VAL A 214 -0.23 -18.95 -4.12
CA VAL A 214 1.08 -18.50 -3.69
C VAL A 214 1.86 -19.41 -2.75
N THR A 215 1.20 -19.95 -1.73
CA THR A 215 1.92 -20.84 -0.80
C THR A 215 2.38 -22.13 -1.49
N SER A 216 1.64 -22.59 -2.50
CA SER A 216 2.05 -23.79 -3.24
C SER A 216 3.31 -23.48 -4.04
N LEU A 217 3.35 -22.31 -4.69
CA LEU A 217 4.52 -21.91 -5.47
C LEU A 217 5.73 -21.77 -4.56
N LEU A 218 5.51 -21.18 -3.38
CA LEU A 218 6.62 -21.00 -2.44
C LEU A 218 7.13 -22.37 -1.98
N GLY A 219 6.22 -23.26 -1.65
CA GLY A 219 6.62 -24.59 -1.20
C GLY A 219 7.42 -25.32 -2.25
N ALA A 220 6.99 -25.22 -3.51
CA ALA A 220 7.70 -25.89 -4.58
C ALA A 220 9.07 -25.28 -4.84
N ALA A 221 9.18 -23.96 -4.65
CA ALA A 221 10.45 -23.27 -4.86
C ALA A 221 11.44 -23.72 -3.78
N VAL A 222 10.94 -23.92 -2.57
CA VAL A 222 11.80 -24.38 -1.48
C VAL A 222 12.24 -25.81 -1.80
N GLY A 223 11.32 -26.62 -2.32
CA GLY A 223 11.64 -27.99 -2.66
C GLY A 223 12.69 -28.12 -3.75
N ARG A 224 12.78 -27.11 -4.62
CA ARG A 224 13.76 -27.11 -5.70
C ARG A 224 15.05 -26.39 -5.30
N ASP A 225 15.16 -26.04 -4.02
CA ASP A 225 16.33 -25.36 -3.48
C ASP A 225 16.60 -23.98 -4.09
N GLU A 226 15.54 -23.27 -4.46
CA GLU A 226 15.67 -21.94 -5.05
C GLU A 226 15.64 -20.86 -3.98
N ILE A 227 14.86 -21.11 -2.93
CA ILE A 227 14.74 -20.20 -1.78
C ILE A 227 14.66 -21.08 -0.52
N THR A 228 14.99 -20.51 0.64
CA THR A 228 14.91 -21.26 1.88
C THR A 228 13.51 -21.15 2.46
N LEU A 229 13.16 -22.04 3.38
CA LEU A 229 11.84 -21.98 4.00
C LEU A 229 11.70 -20.62 4.68
N SER A 230 12.77 -20.18 5.33
CA SER A 230 12.77 -18.89 6.03
C SER A 230 12.46 -17.74 5.06
N GLU A 231 13.09 -17.74 3.91
CA GLU A 231 12.85 -16.69 2.93
C GLU A 231 11.41 -16.73 2.45
N ALA A 232 10.91 -17.95 2.20
CA ALA A 232 9.53 -18.14 1.74
C ALA A 232 8.51 -17.63 2.75
N VAL A 233 8.68 -18.04 4.01
CA VAL A 233 7.77 -17.62 5.08
C VAL A 233 7.78 -16.10 5.26
N GLY A 234 8.96 -15.50 5.20
CA GLY A 234 9.06 -14.06 5.36
C GLY A 234 8.30 -13.33 4.27
N LEU A 235 8.33 -13.87 3.05
CA LEU A 235 7.62 -13.23 1.95
C LEU A 235 6.11 -13.41 2.11
N ALA A 236 5.67 -14.61 2.50
CA ALA A 236 4.24 -14.87 2.68
C ALA A 236 3.64 -13.92 3.70
N VAL A 237 4.34 -13.72 4.82
CA VAL A 237 3.86 -12.84 5.87
C VAL A 237 3.64 -11.41 5.35
N LEU A 238 4.62 -10.88 4.63
CA LEU A 238 4.51 -9.52 4.12
C LEU A 238 3.41 -9.38 3.06
N LEU A 239 3.24 -10.40 2.23
CA LEU A 239 2.18 -10.36 1.21
C LEU A 239 0.81 -10.38 1.92
N GLN A 240 0.69 -11.19 2.96
CA GLN A 240 -0.55 -11.31 3.71
C GLN A 240 -0.92 -9.97 4.34
N ILE A 241 0.05 -9.32 4.96
CA ILE A 241 -0.15 -8.01 5.58
C ILE A 241 -0.47 -6.97 4.51
N GLY A 242 0.30 -7.00 3.43
CA GLY A 242 0.09 -6.04 2.35
C GLY A 242 -1.31 -6.04 1.75
N GLY A 243 -1.89 -7.23 1.65
CA GLY A 243 -3.22 -7.35 1.07
C GLY A 243 -4.28 -6.46 1.68
N GLU A 244 -4.12 -6.12 2.96
CA GLU A 244 -5.11 -5.29 3.63
C GLU A 244 -5.11 -3.82 3.27
N ALA A 245 -4.09 -3.35 2.55
CA ALA A 245 -4.01 -1.94 2.17
C ALA A 245 -5.19 -1.46 1.33
N VAL A 246 -5.83 -2.38 0.61
CA VAL A 246 -6.97 -2.00 -0.25
C VAL A 246 -8.12 -1.43 0.58
N THR A 247 -8.25 -1.88 1.83
CA THR A 247 -9.33 -1.39 2.67
C THR A 247 -9.24 0.13 2.86
N ASN A 248 -8.09 0.62 3.31
CA ASN A 248 -7.94 2.06 3.50
C ASN A 248 -7.98 2.84 2.18
N ASN A 249 -7.31 2.33 1.16
CA ASN A 249 -7.27 3.03 -0.12
C ASN A 249 -8.65 3.13 -0.79
N SER A 250 -9.38 2.01 -0.82
CA SER A 250 -10.71 2.04 -1.42
C SER A 250 -11.64 2.89 -0.56
N GLY A 251 -11.34 2.96 0.74
CA GLY A 251 -12.12 3.80 1.64
C GLY A 251 -11.96 5.26 1.24
N GLN A 252 -10.74 5.67 0.90
CA GLN A 252 -10.51 7.04 0.47
C GLN A 252 -11.18 7.25 -0.88
N MET A 253 -11.15 6.21 -1.71
CA MET A 253 -11.74 6.31 -3.05
C MET A 253 -13.24 6.56 -2.97
N PHE A 254 -13.94 5.80 -2.12
CA PHE A 254 -15.38 6.01 -2.00
C PHE A 254 -15.75 7.28 -1.25
N HIS A 255 -14.91 7.69 -0.30
CA HIS A 255 -15.20 8.94 0.41
C HIS A 255 -15.13 10.07 -0.61
N LEU A 256 -14.18 10.01 -1.52
CA LEU A 256 -14.02 11.04 -2.54
C LEU A 256 -15.20 11.03 -3.52
N LEU A 257 -15.54 9.85 -4.03
CA LEU A 257 -16.64 9.69 -4.97
C LEU A 257 -18.00 10.10 -4.40
N LEU A 258 -18.21 9.82 -3.12
CA LEU A 258 -19.49 10.18 -2.49
C LEU A 258 -19.51 11.62 -2.02
N SER A 259 -18.33 12.23 -1.90
CA SER A 259 -18.24 13.63 -1.48
C SER A 259 -18.44 14.51 -2.71
N ARG A 260 -18.19 13.94 -3.87
CA ARG A 260 -18.36 14.64 -5.14
C ARG A 260 -19.29 13.80 -6.01
N PRO A 261 -20.59 13.80 -5.66
CA PRO A 261 -21.64 13.05 -6.37
C PRO A 261 -21.51 13.10 -7.89
N GLU A 262 -20.98 14.20 -8.42
CA GLU A 262 -20.82 14.34 -9.85
C GLU A 262 -19.90 13.25 -10.40
N LEU A 263 -18.75 13.06 -9.75
CA LEU A 263 -17.80 12.04 -10.17
C LEU A 263 -18.41 10.65 -10.07
N ALA A 264 -19.16 10.42 -9.00
CA ALA A 264 -19.81 9.14 -8.78
C ALA A 264 -20.78 8.85 -9.91
N GLU A 265 -21.52 9.88 -10.34
CA GLU A 265 -22.49 9.74 -11.41
C GLU A 265 -21.78 9.40 -12.72
N ARG A 266 -20.63 10.04 -12.94
CA ARG A 266 -19.85 9.79 -14.15
C ARG A 266 -19.44 8.33 -14.24
N LEU A 267 -18.94 7.79 -13.13
CA LEU A 267 -18.51 6.39 -13.11
C LEU A 267 -19.68 5.43 -13.20
N ARG A 268 -20.77 5.73 -12.50
CA ARG A 268 -21.94 4.87 -12.50
C ARG A 268 -22.59 4.81 -13.88
N SER A 269 -22.55 5.92 -14.62
CA SER A 269 -23.17 5.97 -15.94
C SER A 269 -22.24 5.67 -17.11
N GLU A 270 -20.92 5.75 -16.90
CA GLU A 270 -19.97 5.48 -17.97
C GLU A 270 -19.02 4.34 -17.58
N PRO A 271 -19.50 3.09 -17.65
CA PRO A 271 -18.70 1.92 -17.29
C PRO A 271 -17.37 1.87 -18.03
N GLU A 272 -17.38 2.30 -19.29
CA GLU A 272 -16.19 2.29 -20.14
C GLU A 272 -14.97 3.05 -19.60
N ILE A 273 -15.20 4.09 -18.81
CA ILE A 273 -14.09 4.88 -18.28
C ILE A 273 -13.62 4.45 -16.90
N ARG A 274 -14.30 3.50 -16.27
CA ARG A 274 -13.92 3.07 -14.94
C ARG A 274 -12.44 2.68 -14.80
N PRO A 275 -11.88 1.91 -15.75
CA PRO A 275 -10.47 1.54 -15.61
C PRO A 275 -9.55 2.78 -15.55
N ARG A 276 -9.78 3.72 -16.46
CA ARG A 276 -9.01 4.95 -16.55
C ARG A 276 -9.23 5.83 -15.32
N ALA A 277 -10.49 5.93 -14.91
CA ALA A 277 -10.87 6.74 -13.76
C ALA A 277 -10.25 6.22 -12.47
N ILE A 278 -10.30 4.91 -12.26
CA ILE A 278 -9.74 4.30 -11.07
C ILE A 278 -8.22 4.53 -11.04
N ASP A 279 -7.60 4.49 -12.21
CA ASP A 279 -6.15 4.70 -12.28
C ASP A 279 -5.82 6.13 -11.85
N GLU A 280 -6.67 7.08 -12.22
CA GLU A 280 -6.45 8.49 -11.86
C GLU A 280 -6.67 8.69 -10.35
N LEU A 281 -7.64 7.98 -9.78
CA LEU A 281 -7.89 8.08 -8.35
C LEU A 281 -6.68 7.51 -7.61
N LEU A 282 -6.12 6.41 -8.12
CA LEU A 282 -4.94 5.83 -7.49
C LEU A 282 -3.77 6.80 -7.51
N ARG A 283 -3.64 7.59 -8.58
CA ARG A 283 -2.54 8.57 -8.65
C ARG A 283 -2.73 9.67 -7.60
N TRP A 284 -3.94 10.21 -7.57
CA TRP A 284 -4.28 11.34 -6.71
C TRP A 284 -4.41 11.08 -5.21
N ILE A 285 -5.03 9.98 -4.83
CA ILE A 285 -5.22 9.68 -3.41
C ILE A 285 -3.92 9.67 -2.59
N PRO A 286 -3.86 10.48 -1.52
CA PRO A 286 -2.66 10.50 -0.68
C PRO A 286 -2.75 9.29 0.26
N HIS A 287 -2.20 8.15 -0.20
N HIS A 287 -2.20 8.15 -0.20
CA HIS A 287 -2.26 6.88 0.51
CA HIS A 287 -2.26 6.88 0.51
C HIS A 287 -1.66 6.72 1.91
C HIS A 287 -1.66 6.72 1.91
N ARG A 288 -0.59 7.47 2.19
CA ARG A 288 0.09 7.36 3.47
C ARG A 288 0.46 8.71 4.05
N ASN A 289 0.90 8.69 5.31
CA ASN A 289 1.37 9.88 6.00
C ASN A 289 2.90 9.89 5.79
N ALA A 290 3.42 11.07 5.47
CA ALA A 290 4.85 11.26 5.27
C ALA A 290 5.46 10.24 4.31
N VAL A 291 6.60 9.70 4.70
CA VAL A 291 7.33 8.72 3.90
C VAL A 291 7.61 7.46 4.71
N GLY A 292 7.87 6.35 4.04
CA GLY A 292 8.08 5.08 4.71
C GLY A 292 9.47 4.57 4.99
N LEU A 293 10.05 3.83 4.04
CA LEU A 293 11.39 3.26 4.23
C LEU A 293 12.39 3.91 3.28
N SER A 294 13.48 4.40 3.86
CA SER A 294 14.52 5.06 3.06
C SER A 294 15.44 4.06 2.39
N ARG A 295 16.47 4.61 1.74
CA ARG A 295 17.51 3.84 1.08
C ARG A 295 18.81 4.53 1.44
N ILE A 296 19.88 3.74 1.56
CA ILE A 296 21.19 4.30 1.91
C ILE A 296 22.10 4.43 0.70
N ALA A 297 22.78 5.56 0.56
CA ALA A 297 23.73 5.74 -0.55
C ALA A 297 24.90 4.79 -0.27
N LEU A 298 25.10 3.80 -1.14
CA LEU A 298 26.17 2.82 -0.94
C LEU A 298 27.54 3.32 -1.35
N GLU A 299 27.57 4.48 -1.99
CA GLU A 299 28.80 5.13 -2.42
C GLU A 299 28.40 6.58 -2.63
N ASP A 300 29.38 7.46 -2.78
CA ASP A 300 29.05 8.87 -3.00
C ASP A 300 28.31 9.01 -4.32
N VAL A 301 27.22 9.77 -4.31
CA VAL A 301 26.42 9.98 -5.51
C VAL A 301 25.97 11.44 -5.57
N GLU A 302 25.46 11.83 -6.73
CA GLU A 302 24.98 13.19 -6.92
C GLU A 302 23.58 13.15 -7.53
N ILE A 303 22.71 14.04 -7.07
CA ILE A 303 21.36 14.13 -7.59
C ILE A 303 21.15 15.61 -7.88
N LYS A 304 20.89 15.94 -9.14
CA LYS A 304 20.67 17.33 -9.54
C LYS A 304 21.81 18.21 -9.03
N GLY A 305 23.03 17.68 -9.05
CA GLY A 305 24.19 18.43 -8.61
C GLY A 305 24.46 18.36 -7.12
N VAL A 306 23.46 17.95 -6.35
CA VAL A 306 23.63 17.86 -4.90
C VAL A 306 24.42 16.62 -4.50
N ARG A 307 25.47 16.84 -3.71
CA ARG A 307 26.34 15.76 -3.25
C ARG A 307 25.74 14.99 -2.08
N ILE A 308 25.57 13.69 -2.27
CA ILE A 308 25.04 12.82 -1.22
C ILE A 308 26.16 11.84 -0.89
N ARG A 309 26.62 11.88 0.35
CA ARG A 309 27.72 11.04 0.80
C ARG A 309 27.33 9.59 1.13
N ALA A 310 28.27 8.68 0.90
CA ALA A 310 28.04 7.27 1.20
C ALA A 310 27.63 7.19 2.67
N GLY A 311 26.57 6.45 2.96
CA GLY A 311 26.11 6.32 4.33
C GLY A 311 24.88 7.17 4.62
N ASP A 312 24.67 8.23 3.83
CA ASP A 312 23.50 9.08 4.04
C ASP A 312 22.22 8.36 3.63
N ALA A 313 21.13 8.67 4.32
CA ALA A 313 19.84 8.07 4.00
C ALA A 313 19.09 9.00 3.06
N VAL A 314 18.35 8.41 2.13
CA VAL A 314 17.58 9.18 1.15
C VAL A 314 16.16 8.63 1.02
N TYR A 315 15.18 9.49 1.21
CA TYR A 315 13.78 9.12 1.07
C TYR A 315 13.22 9.65 -0.23
N VAL A 316 12.19 8.98 -0.74
CA VAL A 316 11.47 9.46 -1.92
C VAL A 316 10.03 9.60 -1.45
N SER A 317 9.29 10.51 -2.06
CA SER A 317 7.88 10.67 -1.74
C SER A 317 7.11 10.36 -3.00
N TYR A 318 6.46 9.19 -3.04
CA TYR A 318 5.69 8.80 -4.21
C TYR A 318 4.49 9.73 -4.35
N LEU A 319 3.95 10.18 -3.21
CA LEU A 319 2.81 11.10 -3.22
C LEU A 319 3.19 12.42 -3.91
N ALA A 320 4.38 12.92 -3.60
CA ALA A 320 4.87 14.16 -4.22
C ALA A 320 5.11 13.95 -5.72
N ALA A 321 5.74 12.83 -6.07
CA ALA A 321 6.03 12.55 -7.48
C ALA A 321 4.75 12.48 -8.32
N ASN A 322 3.68 12.01 -7.69
CA ASN A 322 2.38 11.88 -8.36
C ASN A 322 1.75 13.24 -8.63
N ARG A 323 2.34 14.29 -8.06
CA ARG A 323 1.83 15.65 -8.28
C ARG A 323 2.88 16.51 -9.00
N ASP A 324 3.81 15.88 -9.72
CA ASP A 324 4.84 16.61 -10.44
C ASP A 324 4.21 17.36 -11.62
N PRO A 325 4.24 18.70 -11.59
CA PRO A 325 3.66 19.54 -12.66
C PRO A 325 4.19 19.22 -14.05
N GLU A 326 5.45 18.81 -14.12
CA GLU A 326 6.07 18.48 -15.40
C GLU A 326 5.40 17.26 -16.01
N VAL A 327 5.19 16.23 -15.20
CA VAL A 327 4.59 14.99 -15.65
C VAL A 327 3.06 15.00 -15.66
N PHE A 328 2.46 15.65 -14.67
CA PHE A 328 1.01 15.72 -14.59
C PHE A 328 0.53 17.17 -14.52
N PRO A 329 0.24 17.78 -15.68
CA PRO A 329 -0.22 19.18 -15.72
C PRO A 329 -1.44 19.38 -14.84
N ASP A 330 -1.45 20.46 -14.07
CA ASP A 330 -2.56 20.75 -13.16
C ASP A 330 -2.72 19.48 -12.30
N PRO A 331 -1.65 19.12 -11.58
CA PRO A 331 -1.56 17.94 -10.70
C PRO A 331 -2.65 17.71 -9.64
N ASP A 332 -3.18 18.77 -9.06
CA ASP A 332 -4.18 18.62 -8.02
C ASP A 332 -5.59 18.36 -8.56
N ARG A 333 -5.73 18.44 -9.87
CA ARG A 333 -7.03 18.20 -10.50
C ARG A 333 -7.19 16.72 -10.83
N ILE A 334 -8.35 16.17 -10.52
CA ILE A 334 -8.65 14.78 -10.83
C ILE A 334 -9.22 14.76 -12.24
N ASP A 335 -8.49 14.18 -13.18
CA ASP A 335 -8.94 14.11 -14.57
C ASP A 335 -9.01 12.67 -15.05
N PHE A 336 -10.24 12.16 -15.20
CA PHE A 336 -10.42 10.79 -15.64
C PHE A 336 -9.91 10.56 -17.06
N GLU A 337 -9.64 11.65 -17.80
CA GLU A 337 -9.11 11.53 -19.16
C GLU A 337 -7.67 11.98 -19.22
N ARG A 338 -7.04 12.09 -18.06
CA ARG A 338 -5.65 12.51 -17.98
C ARG A 338 -4.78 11.77 -18.98
N ASN A 341 -0.43 8.83 -17.84
CA ASN A 341 -0.62 8.73 -16.41
C ASN A 341 0.38 7.74 -15.80
N PRO A 342 1.68 8.05 -15.86
CA PRO A 342 2.69 7.16 -15.30
C PRO A 342 2.86 7.35 -13.79
N HIS A 343 1.76 7.27 -13.06
CA HIS A 343 1.85 7.47 -11.61
C HIS A 343 2.66 6.36 -10.93
N VAL A 344 3.16 6.66 -9.74
CA VAL A 344 3.95 5.71 -8.98
C VAL A 344 3.36 5.37 -7.61
N SER A 345 2.02 5.28 -7.55
CA SER A 345 1.38 4.92 -6.29
C SER A 345 1.75 3.50 -5.86
N PHE A 346 2.16 2.67 -6.82
CA PHE A 346 2.60 1.31 -6.47
C PHE A 346 4.13 1.23 -6.46
N GLY A 347 4.77 2.38 -6.30
CA GLY A 347 6.23 2.40 -6.25
C GLY A 347 6.93 2.32 -7.58
N PHE A 348 8.25 2.17 -7.51
CA PHE A 348 9.08 2.08 -8.71
C PHE A 348 10.35 1.30 -8.39
N GLY A 349 11.02 0.79 -9.41
CA GLY A 349 12.23 0.03 -9.19
C GLY A 349 11.96 -1.38 -8.73
N PRO A 350 13.00 -2.11 -8.29
CA PRO A 350 12.84 -3.49 -7.82
C PRO A 350 11.77 -3.69 -6.76
N HIS A 351 11.66 -2.73 -5.83
CA HIS A 351 10.70 -2.84 -4.75
C HIS A 351 9.26 -2.44 -5.09
N TYR A 352 8.97 -2.24 -6.36
CA TYR A 352 7.60 -1.88 -6.74
C TYR A 352 6.62 -2.91 -6.14
N CYS A 353 5.45 -2.44 -5.76
CA CYS A 353 4.44 -3.28 -5.12
C CYS A 353 3.99 -4.50 -5.91
N PRO A 354 4.24 -5.71 -5.37
CA PRO A 354 3.81 -6.89 -6.11
C PRO A 354 2.29 -6.98 -6.19
N GLY A 355 1.61 -6.34 -5.25
CA GLY A 355 0.17 -6.35 -5.20
C GLY A 355 -0.56 -5.33 -6.06
N GLY A 356 0.18 -4.57 -6.86
CA GLY A 356 -0.45 -3.57 -7.71
C GLY A 356 -1.59 -4.05 -8.59
N MET A 357 -1.37 -5.11 -9.37
CA MET A 357 -2.42 -5.62 -10.23
C MET A 357 -3.61 -6.18 -9.44
N LEU A 358 -3.34 -6.78 -8.29
CA LEU A 358 -4.39 -7.33 -7.44
C LEU A 358 -5.23 -6.17 -6.88
N ALA A 359 -4.55 -5.10 -6.48
CA ALA A 359 -5.23 -3.91 -5.95
C ALA A 359 -6.13 -3.31 -7.04
N ARG A 360 -5.66 -3.29 -8.27
CA ARG A 360 -6.47 -2.77 -9.37
C ARG A 360 -7.71 -3.65 -9.57
N LEU A 361 -7.50 -4.97 -9.53
CA LEU A 361 -8.60 -5.92 -9.69
C LEU A 361 -9.66 -5.68 -8.60
N GLU A 362 -9.20 -5.59 -7.35
CA GLU A 362 -10.11 -5.37 -6.23
C GLU A 362 -10.84 -4.04 -6.36
N SER A 363 -10.12 -2.99 -6.73
CA SER A 363 -10.73 -1.67 -6.88
C SER A 363 -11.80 -1.69 -7.95
N GLU A 364 -11.53 -2.36 -9.08
CA GLU A 364 -12.50 -2.44 -10.16
C GLU A 364 -13.76 -3.19 -9.74
N LEU A 365 -13.57 -4.33 -9.08
CA LEU A 365 -14.74 -5.11 -8.64
C LEU A 365 -15.56 -4.29 -7.63
N LEU A 366 -14.88 -3.59 -6.74
CA LEU A 366 -15.56 -2.79 -5.73
C LEU A 366 -16.38 -1.65 -6.36
N VAL A 367 -15.79 -0.92 -7.29
CA VAL A 367 -16.54 0.16 -7.95
C VAL A 367 -17.76 -0.39 -8.67
N ASP A 368 -17.61 -1.52 -9.38
CA ASP A 368 -18.74 -2.12 -10.09
C ASP A 368 -19.87 -2.49 -9.13
N ALA A 369 -19.54 -3.24 -8.08
CA ALA A 369 -20.55 -3.69 -7.12
C ALA A 369 -21.24 -2.57 -6.35
N VAL A 370 -20.45 -1.66 -5.80
CA VAL A 370 -21.01 -0.57 -5.02
C VAL A 370 -21.83 0.43 -5.83
N LEU A 371 -21.39 0.72 -7.06
CA LEU A 371 -22.12 1.67 -7.89
C LEU A 371 -23.28 1.07 -8.68
N ASP A 372 -23.19 -0.22 -9.00
CA ASP A 372 -24.25 -0.87 -9.78
C ASP A 372 -25.26 -1.70 -8.98
N ARG A 373 -24.88 -2.24 -7.83
CA ARG A 373 -25.80 -3.05 -7.03
C ARG A 373 -26.56 -2.33 -5.92
N VAL A 374 -26.05 -1.17 -5.49
CA VAL A 374 -26.70 -0.42 -4.43
C VAL A 374 -27.53 0.76 -4.93
N PRO A 375 -28.85 0.60 -5.00
CA PRO A 375 -29.79 1.63 -5.45
C PRO A 375 -29.63 2.99 -4.79
N GLY A 376 -29.09 3.96 -5.53
CA GLY A 376 -28.91 5.30 -5.01
C GLY A 376 -28.05 5.44 -3.77
N LEU A 377 -26.84 4.88 -3.80
CA LEU A 377 -25.93 4.96 -2.68
C LEU A 377 -25.47 6.39 -2.43
N LYS A 378 -25.20 6.71 -1.16
CA LYS A 378 -24.73 8.05 -0.80
C LYS A 378 -24.31 8.08 0.66
N LEU A 379 -23.48 9.06 1.01
CA LEU A 379 -23.03 9.20 2.38
C LEU A 379 -24.23 9.51 3.28
N ALA A 380 -24.21 8.96 4.49
CA ALA A 380 -25.28 9.17 5.45
C ALA A 380 -24.99 10.37 6.35
N VAL A 381 -23.79 10.93 6.20
CA VAL A 381 -23.36 12.10 6.97
C VAL A 381 -22.61 13.05 6.04
N ALA A 382 -22.28 14.23 6.52
CA ALA A 382 -21.54 15.20 5.73
C ALA A 382 -20.11 14.70 5.52
N PRO A 383 -19.53 14.95 4.33
CA PRO A 383 -18.17 14.53 4.02
C PRO A 383 -17.15 14.83 5.12
N GLU A 384 -17.22 16.04 5.65
CA GLU A 384 -16.31 16.48 6.70
C GLU A 384 -16.52 15.76 8.04
N ASP A 385 -17.66 15.10 8.20
CA ASP A 385 -17.94 14.40 9.45
C ASP A 385 -17.56 12.92 9.44
N VAL A 386 -16.92 12.48 8.36
CA VAL A 386 -16.47 11.08 8.27
C VAL A 386 -15.12 11.02 8.97
N PRO A 387 -15.02 10.23 10.05
CA PRO A 387 -13.77 10.09 10.81
C PRO A 387 -12.67 9.35 10.07
N PHE A 388 -11.46 9.91 10.09
CA PHE A 388 -10.30 9.28 9.45
C PHE A 388 -9.30 8.83 10.51
N LYS A 389 -8.49 7.83 10.17
CA LYS A 389 -7.51 7.27 11.09
C LYS A 389 -6.48 8.26 11.63
N LYS A 390 -6.20 8.13 12.94
CA LYS A 390 -5.25 8.98 13.64
C LYS A 390 -3.96 8.23 13.98
N GLY A 391 -2.85 8.96 13.98
CA GLY A 391 -1.56 8.36 14.30
C GLY A 391 -1.23 7.14 13.48
N ALA A 392 -1.63 7.16 12.21
CA ALA A 392 -1.40 6.01 11.34
C ALA A 392 -0.32 6.19 10.28
N LEU A 393 0.03 5.09 9.64
CA LEU A 393 1.03 5.10 8.57
C LEU A 393 0.25 5.22 7.26
N ILE A 394 -0.77 4.38 7.10
CA ILE A 394 -1.61 4.41 5.90
C ILE A 394 -2.90 5.15 6.24
N ARG A 395 -3.23 6.15 5.44
CA ARG A 395 -4.43 6.96 5.64
C ARG A 395 -5.71 6.28 5.16
N GLY A 396 -6.82 6.59 5.81
CA GLY A 396 -8.08 5.99 5.42
C GLY A 396 -9.17 6.27 6.42
N PRO A 397 -10.44 6.05 6.06
CA PRO A 397 -11.59 6.29 6.95
C PRO A 397 -11.67 5.25 8.07
N GLU A 398 -12.16 5.69 9.23
CA GLU A 398 -12.35 4.79 10.36
C GLU A 398 -13.65 4.05 10.09
N ALA A 399 -14.58 4.75 9.45
CA ALA A 399 -15.89 4.22 9.11
C ALA A 399 -16.45 5.02 7.94
N LEU A 400 -17.42 4.46 7.23
CA LEU A 400 -18.02 5.16 6.10
C LEU A 400 -19.54 4.96 6.14
N PRO A 401 -20.25 5.80 6.91
CA PRO A 401 -21.71 5.70 7.01
C PRO A 401 -22.38 5.97 5.67
N VAL A 402 -23.17 5.01 5.21
CA VAL A 402 -23.86 5.17 3.94
C VAL A 402 -25.33 4.74 4.01
N THR A 403 -26.12 5.21 3.06
CA THR A 403 -27.53 4.85 3.00
C THR A 403 -27.90 4.68 1.53
N TRP A 404 -29.08 4.15 1.26
CA TRP A 404 -29.51 3.94 -0.11
C TRP A 404 -31.02 3.78 -0.19
N HIS A 405 -31.53 3.65 -1.41
CA HIS A 405 -32.97 3.48 -1.62
C HIS A 405 -33.39 2.07 -1.23
N ALA A 406 -34.25 1.99 -0.21
CA ALA A 406 -34.75 0.70 0.26
C ALA A 406 -36.27 0.67 0.16
#